data_2DPS
#
_entry.id   2DPS
#
_cell.length_a   114.042
_cell.length_b   129.627
_cell.length_c   38.751
_cell.angle_alpha   90.00
_cell.angle_beta   90.00
_cell.angle_gamma   90.00
#
_symmetry.space_group_name_H-M   'P 21 21 2'
#
loop_
_entity.id
_entity.type
_entity.pdbx_description
1 polymer 'Leucyl/phenylalanyl-tRNA--protein transferase'
2 water water
#
_entity_poly.entity_id   1
_entity_poly.type   'polypeptide(L)'
_entity_poly.pdbx_seq_one_letter_code
;MGSSHHHHHHSSGLVPRGSHMRLVQLSRHSIAFPSPEGALREPNGLLALGGDLSPARLLMAYQRGIFPWFSPGDPILWWS
PDPRAVLWPESLHISRSMKRFHKRSPYRVTMNYAFGQVIEGCASDREEGTWITRGVVEAYHRLHELGHAHSIEVWREDEL
VGGMYGVAQGTLFCGESMFSRMENASKTALLVFCEEFIGHGGKLIDCQVLNDHTASLGACEIPRRDYLNYLNQMRLGRLP
NNFWVPRCLFSPQE
;
_entity_poly.pdbx_strand_id   A,B
#
# COMPACT_ATOMS: atom_id res chain seq x y z
N LEU A 23 36.56 12.25 -6.81
CA LEU A 23 35.36 11.57 -6.24
C LEU A 23 35.75 10.86 -4.96
N VAL A 24 34.95 9.86 -4.58
CA VAL A 24 35.18 9.08 -3.36
C VAL A 24 34.33 7.81 -3.30
N GLN A 25 34.99 6.67 -3.13
CA GLN A 25 34.29 5.40 -3.04
C GLN A 25 33.76 5.17 -1.64
N LEU A 26 32.50 4.78 -1.54
CA LEU A 26 31.88 4.52 -0.24
C LEU A 26 32.30 3.13 0.25
N SER A 27 32.00 2.84 1.51
CA SER A 27 32.34 1.55 2.08
C SER A 27 31.14 0.86 2.72
N ARG A 28 31.15 -0.47 2.65
CA ARG A 28 30.10 -1.30 3.23
C ARG A 28 30.02 -0.94 4.71
N HIS A 29 31.15 -0.44 5.23
CA HIS A 29 31.28 -0.05 6.63
C HIS A 29 30.15 0.87 7.11
N SER A 30 30.33 2.17 6.92
CA SER A 30 29.33 3.14 7.37
C SER A 30 28.42 3.72 6.29
N ILE A 31 27.49 4.55 6.74
CA ILE A 31 26.51 5.19 5.88
C ILE A 31 26.94 6.66 5.68
N ALA A 32 28.23 6.92 5.85
CA ALA A 32 28.75 8.27 5.71
C ALA A 32 28.85 8.73 4.26
N PHE A 33 28.53 10.00 4.04
CA PHE A 33 28.58 10.60 2.72
C PHE A 33 29.42 11.87 2.76
N PRO A 34 30.19 12.13 1.70
CA PRO A 34 31.04 13.31 1.59
C PRO A 34 30.18 14.52 1.28
N SER A 35 30.64 15.71 1.67
CA SER A 35 29.89 16.93 1.42
C SER A 35 29.53 17.08 -0.05
N PRO A 36 28.24 17.32 -0.33
CA PRO A 36 27.69 17.49 -1.68
C PRO A 36 28.47 18.52 -2.49
N GLU A 37 28.94 19.56 -1.81
CA GLU A 37 29.65 20.65 -2.44
C GLU A 37 30.94 20.25 -3.15
N GLY A 38 31.44 19.05 -2.86
CA GLY A 38 32.64 18.58 -3.52
C GLY A 38 32.29 17.71 -4.73
N ALA A 39 31.07 17.85 -5.25
CA ALA A 39 30.63 17.06 -6.40
C ALA A 39 31.24 17.58 -7.68
N LEU A 40 31.24 16.78 -8.73
CA LEU A 40 31.81 17.19 -10.00
C LEU A 40 30.90 18.21 -10.67
N ARG A 41 31.48 18.99 -11.57
CA ARG A 41 30.72 19.99 -12.32
C ARG A 41 30.20 19.32 -13.59
N GLU A 42 30.99 18.39 -14.12
CA GLU A 42 30.61 17.69 -15.35
C GLU A 42 31.23 16.29 -15.36
N PRO A 43 30.41 15.23 -15.26
CA PRO A 43 28.95 15.21 -15.14
C PRO A 43 28.47 15.93 -13.89
N ASN A 44 27.51 16.83 -14.07
CA ASN A 44 26.99 17.64 -12.99
C ASN A 44 26.44 16.90 -11.77
N GLY A 45 27.15 17.00 -10.65
CA GLY A 45 26.69 16.38 -9.42
C GLY A 45 27.28 15.04 -9.01
N LEU A 46 28.09 14.41 -9.87
CA LEU A 46 28.68 13.10 -9.55
C LEU A 46 29.48 13.28 -8.26
N LEU A 47 29.14 12.54 -7.21
CA LEU A 47 29.79 12.69 -5.93
C LEU A 47 30.48 11.47 -5.33
N ALA A 48 29.91 10.28 -5.55
CA ALA A 48 30.49 9.07 -4.99
C ALA A 48 30.01 7.82 -5.72
N LEU A 49 30.70 6.71 -5.51
CA LEU A 49 30.30 5.46 -6.12
C LEU A 49 30.38 4.35 -5.08
N GLY A 50 29.76 3.21 -5.38
CA GLY A 50 29.80 2.09 -4.47
C GLY A 50 28.79 2.11 -3.35
N GLY A 51 29.09 1.36 -2.29
CA GLY A 51 28.19 1.29 -1.14
C GLY A 51 27.15 0.23 -1.40
N ASP A 52 25.89 0.59 -1.19
CA ASP A 52 24.79 -0.33 -1.42
C ASP A 52 23.49 0.47 -1.48
N LEU A 53 22.36 -0.20 -1.45
CA LEU A 53 21.07 0.48 -1.49
C LEU A 53 20.23 0.12 -0.29
N SER A 54 20.89 -0.12 0.84
CA SER A 54 20.23 -0.46 2.08
C SER A 54 19.38 0.72 2.54
N PRO A 55 18.27 0.43 3.25
CA PRO A 55 17.36 1.46 3.73
C PRO A 55 18.11 2.59 4.42
N ALA A 56 19.00 2.22 5.34
CA ALA A 56 19.77 3.22 6.08
C ALA A 56 20.63 4.10 5.18
N ARG A 57 21.35 3.48 4.24
CA ARG A 57 22.20 4.28 3.36
C ARG A 57 21.37 5.19 2.45
N LEU A 58 20.21 4.68 2.01
CA LEU A 58 19.32 5.45 1.15
C LEU A 58 18.77 6.65 1.90
N LEU A 59 18.22 6.40 3.09
CA LEU A 59 17.65 7.46 3.90
C LEU A 59 18.68 8.58 4.10
N MET A 60 19.90 8.21 4.44
CA MET A 60 20.97 9.18 4.66
C MET A 60 21.26 9.97 3.40
N ALA A 61 21.15 9.32 2.25
CA ALA A 61 21.40 9.98 0.98
C ALA A 61 20.46 11.15 0.80
N TYR A 62 19.17 10.91 1.02
CA TYR A 62 18.18 11.96 0.87
C TYR A 62 18.32 13.04 1.94
N GLN A 63 18.54 12.63 3.19
CA GLN A 63 18.71 13.56 4.29
C GLN A 63 19.78 14.61 3.96
N ARG A 64 20.81 14.19 3.21
CA ARG A 64 21.90 15.08 2.86
C ARG A 64 21.89 15.61 1.42
N GLY A 65 20.75 15.48 0.75
CA GLY A 65 20.63 15.99 -0.61
C GLY A 65 21.30 15.21 -1.72
N ILE A 66 21.44 13.91 -1.55
CA ILE A 66 22.07 13.06 -2.54
C ILE A 66 21.11 11.96 -2.98
N PHE A 67 21.28 11.46 -4.20
CA PHE A 67 20.43 10.38 -4.69
C PHE A 67 21.21 9.47 -5.62
N PRO A 68 20.81 8.20 -5.71
CA PRO A 68 21.51 7.27 -6.60
C PRO A 68 20.95 7.33 -8.01
N TRP A 69 21.81 7.04 -8.98
CA TRP A 69 21.41 7.01 -10.38
C TRP A 69 22.55 6.39 -11.18
N PHE A 70 22.24 5.33 -11.90
CA PHE A 70 23.27 4.66 -12.68
C PHE A 70 22.60 3.64 -13.58
N SER A 71 23.18 3.44 -14.75
CA SER A 71 22.65 2.50 -15.70
C SER A 71 22.99 1.09 -15.22
N PRO A 72 22.17 0.09 -15.60
CA PRO A 72 22.49 -1.27 -15.16
C PRO A 72 23.84 -1.65 -15.74
N GLY A 73 24.66 -2.33 -14.93
CA GLY A 73 25.99 -2.71 -15.38
C GLY A 73 27.06 -1.91 -14.67
N ASP A 74 26.79 -0.62 -14.44
CA ASP A 74 27.74 0.24 -13.75
C ASP A 74 27.59 0.07 -12.25
N PRO A 75 28.55 0.64 -11.49
CA PRO A 75 28.47 0.55 -10.02
C PRO A 75 27.53 1.66 -9.56
N ILE A 76 27.07 1.59 -8.32
CA ILE A 76 26.18 2.62 -7.79
C ILE A 76 26.85 4.00 -7.84
N LEU A 77 26.14 4.98 -8.36
CA LEU A 77 26.63 6.35 -8.47
C LEU A 77 25.69 7.29 -7.74
N TRP A 78 26.25 8.19 -6.93
CA TRP A 78 25.42 9.10 -6.17
C TRP A 78 25.57 10.53 -6.66
N TRP A 79 24.49 11.30 -6.58
CA TRP A 79 24.53 12.66 -7.09
C TRP A 79 23.92 13.74 -6.22
N SER A 80 24.32 14.97 -6.52
CA SER A 80 23.85 16.18 -5.86
C SER A 80 24.22 17.30 -6.81
N PRO A 81 23.47 17.43 -7.90
CA PRO A 81 23.72 18.46 -8.92
C PRO A 81 23.53 19.91 -8.46
N ASP A 82 24.13 20.81 -9.23
CA ASP A 82 24.09 22.24 -8.97
C ASP A 82 24.00 22.91 -10.33
N PRO A 83 22.86 23.56 -10.63
CA PRO A 83 21.69 23.67 -9.74
C PRO A 83 20.85 22.40 -9.62
N ARG A 84 19.84 22.48 -8.78
CA ARG A 84 18.92 21.38 -8.53
C ARG A 84 17.55 21.74 -9.11
N ALA A 85 16.92 20.81 -9.82
CA ALA A 85 15.59 21.06 -10.38
C ALA A 85 14.61 20.90 -9.24
N VAL A 86 13.66 21.81 -9.13
CA VAL A 86 12.72 21.74 -8.04
C VAL A 86 11.36 22.26 -8.50
N LEU A 87 10.32 22.04 -7.70
CA LEU A 87 8.99 22.52 -8.08
C LEU A 87 8.19 23.04 -6.91
N TRP A 88 7.91 24.34 -6.92
CA TRP A 88 7.09 24.94 -5.88
C TRP A 88 5.67 24.52 -6.21
N PRO A 89 5.06 23.66 -5.37
CA PRO A 89 3.70 23.15 -5.52
C PRO A 89 2.68 24.16 -6.01
N GLU A 90 2.74 25.37 -5.47
CA GLU A 90 1.79 26.42 -5.87
C GLU A 90 2.06 26.98 -7.26
N SER A 91 3.24 26.74 -7.79
CA SER A 91 3.59 27.27 -9.10
C SER A 91 3.36 26.25 -10.22
N LEU A 92 2.72 25.13 -9.89
CA LEU A 92 2.45 24.12 -10.91
C LEU A 92 1.63 24.75 -12.03
N HIS A 93 2.14 24.72 -13.25
CA HIS A 93 1.41 25.32 -14.36
C HIS A 93 0.42 24.32 -14.95
N ILE A 94 -0.81 24.76 -15.10
CA ILE A 94 -1.86 23.92 -15.65
C ILE A 94 -2.55 24.66 -16.80
N SER A 95 -2.31 24.20 -18.02
CA SER A 95 -2.92 24.82 -19.21
C SER A 95 -4.43 24.85 -19.08
N ARG A 96 -5.07 25.65 -19.94
CA ARG A 96 -6.53 25.79 -19.93
C ARG A 96 -7.19 24.51 -20.44
N SER A 97 -6.51 23.84 -21.36
CA SER A 97 -7.04 22.59 -21.93
C SER A 97 -7.04 21.50 -20.85
N MET A 98 -6.04 21.51 -19.98
CA MET A 98 -5.94 20.53 -18.91
C MET A 98 -7.03 20.74 -17.86
N LYS A 99 -7.29 22.00 -17.52
CA LYS A 99 -8.31 22.32 -16.53
C LYS A 99 -9.64 21.78 -17.03
N ARG A 100 -9.87 21.94 -18.33
CA ARG A 100 -11.09 21.49 -18.98
C ARG A 100 -11.17 19.98 -18.82
N PHE A 101 -10.03 19.33 -19.06
CA PHE A 101 -9.93 17.89 -18.95
C PHE A 101 -10.16 17.39 -17.53
N HIS A 102 -9.46 18.00 -16.57
CA HIS A 102 -9.56 17.59 -15.18
C HIS A 102 -10.93 17.81 -14.56
N LYS A 103 -11.66 18.79 -15.08
CA LYS A 103 -13.00 19.06 -14.56
C LYS A 103 -13.94 17.94 -14.97
N ARG A 104 -13.61 17.27 -16.07
CA ARG A 104 -14.41 16.16 -16.61
C ARG A 104 -13.56 14.90 -16.64
N SER A 105 -12.55 14.86 -15.78
CA SER A 105 -11.59 13.76 -15.73
C SER A 105 -12.15 12.33 -15.73
N PRO A 106 -11.50 11.44 -16.51
CA PRO A 106 -11.85 10.02 -16.65
C PRO A 106 -10.93 9.19 -15.76
N TYR A 107 -10.14 9.88 -14.95
CA TYR A 107 -9.18 9.23 -14.07
C TYR A 107 -9.50 9.34 -12.59
N ARG A 108 -8.99 8.38 -11.84
CA ARG A 108 -9.13 8.39 -10.40
C ARG A 108 -7.69 8.43 -9.90
N VAL A 109 -7.47 9.11 -8.80
CA VAL A 109 -6.12 9.18 -8.22
C VAL A 109 -6.10 8.62 -6.81
N THR A 110 -5.06 7.83 -6.51
CA THR A 110 -4.91 7.26 -5.17
C THR A 110 -3.49 7.45 -4.68
N MET A 111 -3.32 7.20 -3.39
CA MET A 111 -2.03 7.31 -2.73
C MET A 111 -1.68 5.96 -2.10
N ASN A 112 -0.48 5.50 -2.35
CA ASN A 112 0.01 4.23 -1.83
C ASN A 112 -0.90 3.01 -1.98
N TYR A 113 -1.50 2.86 -3.15
CA TYR A 113 -2.36 1.71 -3.46
C TYR A 113 -1.51 0.63 -4.11
N ALA A 114 -0.64 1.05 -5.04
CA ALA A 114 0.20 0.11 -5.76
C ALA A 114 1.61 0.62 -6.02
N PHE A 115 2.36 0.87 -4.95
CA PHE A 115 3.73 1.36 -5.09
C PHE A 115 4.51 0.56 -6.12
N GLY A 116 4.48 -0.77 -5.98
CA GLY A 116 5.20 -1.65 -6.88
C GLY A 116 4.90 -1.46 -8.35
N GLN A 117 3.61 -1.33 -8.70
CA GLN A 117 3.25 -1.15 -10.10
C GLN A 117 3.70 0.20 -10.63
N VAL A 118 3.61 1.23 -9.79
CA VAL A 118 4.03 2.56 -10.22
C VAL A 118 5.51 2.58 -10.59
N ILE A 119 6.36 2.09 -9.70
CA ILE A 119 7.80 2.08 -9.96
C ILE A 119 8.09 1.22 -11.19
N GLU A 120 7.37 0.10 -11.31
CA GLU A 120 7.52 -0.81 -12.46
C GLU A 120 7.10 -0.06 -13.71
N GLY A 121 6.04 0.74 -13.58
CA GLY A 121 5.53 1.54 -14.67
C GLY A 121 6.57 2.56 -15.10
N CYS A 122 7.27 3.13 -14.12
CA CYS A 122 8.32 4.10 -14.42
C CYS A 122 9.54 3.38 -14.97
N ALA A 123 9.74 2.13 -14.53
CA ALA A 123 10.88 1.35 -14.97
C ALA A 123 10.74 0.86 -16.40
N SER A 124 9.53 0.47 -16.79
CA SER A 124 9.31 -0.04 -18.14
C SER A 124 9.13 1.05 -19.18
N ASP A 125 9.28 2.31 -18.78
CA ASP A 125 9.14 3.43 -19.70
C ASP A 125 10.42 3.59 -20.52
N ARG A 126 10.28 3.95 -21.80
CA ARG A 126 11.41 4.12 -22.71
C ARG A 126 11.91 2.81 -23.32
N GLU A 127 10.98 1.95 -23.72
CA GLU A 127 11.30 0.64 -24.30
C GLU A 127 11.66 -0.41 -23.25
N THR A 130 15.30 1.80 -18.73
CA THR A 130 15.59 2.81 -17.68
C THR A 130 16.49 2.17 -16.61
N TRP A 131 17.24 3.01 -15.91
CA TRP A 131 18.17 2.55 -14.86
C TRP A 131 17.49 1.78 -13.73
N ILE A 132 16.17 1.88 -13.64
CA ILE A 132 15.44 1.20 -12.58
C ILE A 132 15.60 -0.30 -12.72
N THR A 133 16.62 -0.83 -12.06
CA THR A 133 16.90 -2.25 -12.12
C THR A 133 16.19 -2.95 -10.95
N ARG A 134 16.04 -4.27 -11.06
CA ARG A 134 15.37 -5.04 -10.01
C ARG A 134 15.89 -4.65 -8.65
N GLY A 135 17.21 -4.54 -8.54
CA GLY A 135 17.82 -4.14 -7.28
C GLY A 135 17.26 -2.80 -6.83
N VAL A 136 17.24 -1.81 -7.72
CA VAL A 136 16.71 -0.50 -7.39
C VAL A 136 15.26 -0.62 -6.93
N VAL A 137 14.47 -1.41 -7.66
CA VAL A 137 13.07 -1.61 -7.32
C VAL A 137 12.91 -2.17 -5.90
N GLU A 138 13.65 -3.22 -5.58
CA GLU A 138 13.56 -3.80 -4.24
C GLU A 138 13.96 -2.77 -3.19
N ALA A 139 15.03 -2.03 -3.47
CA ALA A 139 15.53 -1.01 -2.55
C ALA A 139 14.49 0.07 -2.24
N TYR A 140 13.79 0.58 -3.24
CA TYR A 140 12.78 1.58 -2.96
C TYR A 140 11.53 0.93 -2.41
N HIS A 141 11.35 -0.35 -2.73
CA HIS A 141 10.20 -1.08 -2.23
C HIS A 141 10.34 -1.22 -0.72
N ARG A 142 11.58 -1.42 -0.26
CA ARG A 142 11.85 -1.52 1.17
C ARG A 142 11.48 -0.21 1.84
N LEU A 143 11.91 0.89 1.23
CA LEU A 143 11.62 2.22 1.76
C LEU A 143 10.12 2.45 1.82
N HIS A 144 9.39 1.92 0.83
CA HIS A 144 7.95 2.07 0.85
C HIS A 144 7.40 1.27 2.01
N GLU A 145 7.86 0.03 2.11
CA GLU A 145 7.44 -0.89 3.16
C GLU A 145 7.71 -0.30 4.54
N LEU A 146 8.82 0.42 4.66
CA LEU A 146 9.20 1.03 5.93
C LEU A 146 8.47 2.37 6.19
N GLY A 147 7.73 2.83 5.19
CA GLY A 147 6.99 4.07 5.35
C GLY A 147 7.68 5.37 4.97
N HIS A 148 8.68 5.29 4.10
CA HIS A 148 9.39 6.51 3.67
C HIS A 148 9.21 6.85 2.20
N ALA A 149 9.00 5.84 1.37
CA ALA A 149 8.78 6.02 -0.06
C ALA A 149 7.29 5.89 -0.30
N HIS A 150 6.73 6.76 -1.14
CA HIS A 150 5.30 6.74 -1.39
C HIS A 150 4.95 6.81 -2.88
N SER A 151 3.72 6.48 -3.22
CA SER A 151 3.33 6.53 -4.62
C SER A 151 1.96 7.15 -4.80
N ILE A 152 1.77 7.74 -5.98
CA ILE A 152 0.50 8.36 -6.36
C ILE A 152 0.11 7.55 -7.58
N GLU A 153 -1.13 7.11 -7.65
CA GLU A 153 -1.57 6.32 -8.78
C GLU A 153 -2.67 7.00 -9.56
N VAL A 154 -2.63 6.81 -10.88
CA VAL A 154 -3.64 7.33 -11.77
C VAL A 154 -4.32 6.14 -12.45
N TRP A 155 -5.62 6.00 -12.22
CA TRP A 155 -6.40 4.89 -12.78
C TRP A 155 -7.48 5.26 -13.77
N ARG A 156 -7.53 4.50 -14.85
CA ARG A 156 -8.56 4.67 -15.85
C ARG A 156 -9.42 3.45 -15.52
N GLU A 157 -10.35 3.66 -14.60
CA GLU A 157 -11.20 2.58 -14.13
C GLU A 157 -10.35 1.51 -13.46
N ASP A 158 -10.31 0.30 -14.00
CA ASP A 158 -9.54 -0.79 -13.41
C ASP A 158 -8.04 -0.80 -13.78
N GLU A 159 -7.65 0.05 -14.74
CA GLU A 159 -6.26 0.08 -15.18
C GLU A 159 -5.38 1.21 -14.66
N LEU A 160 -4.18 0.84 -14.22
CA LEU A 160 -3.19 1.79 -13.74
C LEU A 160 -2.63 2.44 -15.00
N VAL A 161 -2.90 3.72 -15.20
CA VAL A 161 -2.47 4.38 -16.41
C VAL A 161 -1.40 5.43 -16.23
N GLY A 162 -0.87 5.56 -15.02
CA GLY A 162 0.16 6.55 -14.76
C GLY A 162 0.44 6.68 -13.28
N GLY A 163 1.34 7.58 -12.91
CA GLY A 163 1.63 7.76 -11.51
C GLY A 163 3.02 8.29 -11.22
N MET A 164 3.35 8.38 -9.94
CA MET A 164 4.64 8.88 -9.52
C MET A 164 4.98 8.34 -8.14
N TYR A 165 6.27 8.19 -7.88
CA TYR A 165 6.69 7.73 -6.57
C TYR A 165 7.85 8.57 -6.11
N GLY A 166 8.10 8.56 -4.80
CA GLY A 166 9.20 9.34 -4.26
C GLY A 166 9.46 9.05 -2.80
N VAL A 167 10.38 9.83 -2.24
CA VAL A 167 10.75 9.68 -0.83
C VAL A 167 10.31 10.93 -0.08
N ALA A 168 9.59 10.74 1.02
CA ALA A 168 9.11 11.86 1.81
C ALA A 168 10.18 12.32 2.78
N GLN A 169 10.45 13.62 2.75
CA GLN A 169 11.45 14.21 3.61
C GLN A 169 10.83 15.39 4.37
N GLY A 170 9.85 15.09 5.22
CA GLY A 170 9.19 16.13 5.98
C GLY A 170 8.14 16.84 5.16
N THR A 171 8.34 18.14 4.95
CA THR A 171 7.40 18.92 4.17
C THR A 171 7.95 19.06 2.76
N LEU A 172 9.05 18.37 2.53
CA LEU A 172 9.69 18.35 1.24
C LEU A 172 9.47 16.95 0.67
N PHE A 173 9.09 16.88 -0.60
CA PHE A 173 8.88 15.58 -1.23
C PHE A 173 9.92 15.42 -2.33
N CYS A 174 10.63 14.29 -2.30
CA CYS A 174 11.65 14.01 -3.30
C CYS A 174 11.07 13.07 -4.36
N GLY A 175 10.66 13.65 -5.47
CA GLY A 175 10.07 12.88 -6.55
C GLY A 175 11.10 12.18 -7.38
N GLU A 176 11.06 10.85 -7.40
CA GLU A 176 12.01 10.08 -8.15
C GLU A 176 11.68 10.05 -9.63
N SER A 177 10.42 9.71 -9.94
CA SER A 177 9.99 9.62 -11.32
C SER A 177 8.48 9.45 -11.44
N MET A 178 7.97 9.62 -12.67
CA MET A 178 6.56 9.45 -12.95
C MET A 178 6.43 8.85 -14.34
N PHE A 179 5.24 8.37 -14.68
CA PHE A 179 5.03 7.75 -15.98
C PHE A 179 3.60 7.99 -16.44
N SER A 180 3.36 7.89 -17.75
CA SER A 180 2.03 8.11 -18.29
C SER A 180 1.74 7.16 -19.45
N ARG A 181 0.66 6.38 -19.32
CA ARG A 181 0.27 5.43 -20.36
C ARG A 181 -0.95 5.95 -21.11
N MET A 182 -1.46 7.10 -20.68
CA MET A 182 -2.63 7.72 -21.31
C MET A 182 -2.49 9.23 -21.19
N GLU A 183 -3.02 9.97 -22.17
CA GLU A 183 -2.94 11.43 -22.17
C GLU A 183 -3.29 12.08 -20.84
N ASN A 184 -2.41 12.95 -20.37
CA ASN A 184 -2.60 13.70 -19.13
C ASN A 184 -2.63 12.87 -17.84
N ALA A 185 -2.19 11.62 -17.90
CA ALA A 185 -2.19 10.78 -16.69
C ALA A 185 -1.24 11.33 -15.62
N SER A 186 0.01 11.56 -16.00
CA SER A 186 0.98 12.08 -15.04
C SER A 186 0.70 13.52 -14.67
N LYS A 187 0.14 14.30 -15.60
CA LYS A 187 -0.19 15.68 -15.25
C LYS A 187 -1.25 15.63 -14.14
N THR A 188 -2.19 14.70 -14.28
CA THR A 188 -3.27 14.55 -13.31
C THR A 188 -2.71 14.15 -11.94
N ALA A 189 -1.77 13.21 -11.94
CA ALA A 189 -1.13 12.76 -10.70
C ALA A 189 -0.48 13.93 -9.97
N LEU A 190 0.33 14.68 -10.70
CA LEU A 190 1.01 15.82 -10.13
C LEU A 190 0.04 16.88 -9.63
N LEU A 191 -0.94 17.21 -10.49
CA LEU A 191 -1.95 18.21 -10.16
C LEU A 191 -2.66 17.86 -8.85
N VAL A 192 -3.16 16.64 -8.78
CA VAL A 192 -3.88 16.20 -7.59
C VAL A 192 -2.98 16.17 -6.35
N PHE A 193 -1.76 15.68 -6.53
CA PHE A 193 -0.80 15.60 -5.41
C PHE A 193 -0.46 16.98 -4.87
N CYS A 194 -0.19 17.93 -5.76
CA CYS A 194 0.16 19.27 -5.33
C CYS A 194 -0.99 19.90 -4.53
N GLU A 195 -2.23 19.63 -4.92
CA GLU A 195 -3.36 20.18 -4.19
C GLU A 195 -3.40 19.58 -2.80
N GLU A 196 -3.33 18.25 -2.74
CA GLU A 196 -3.35 17.51 -1.48
C GLU A 196 -2.14 17.87 -0.63
N PHE A 197 -0.99 18.00 -1.28
CA PHE A 197 0.26 18.32 -0.59
C PHE A 197 0.22 19.71 0.04
N ILE A 198 -0.17 20.72 -0.73
CA ILE A 198 -0.24 22.08 -0.21
C ILE A 198 -1.28 22.18 0.91
N GLY A 199 -2.44 21.57 0.68
CA GLY A 199 -3.50 21.63 1.67
C GLY A 199 -3.13 21.15 3.05
N HIS A 200 -2.06 20.36 3.16
CA HIS A 200 -1.66 19.84 4.47
C HIS A 200 -0.27 20.24 4.93
N GLY A 201 0.34 21.23 4.28
CA GLY A 201 1.65 21.68 4.69
C GLY A 201 2.80 21.42 3.73
N GLY A 202 2.53 20.71 2.65
CA GLY A 202 3.58 20.41 1.69
C GLY A 202 4.27 21.69 1.24
N LYS A 203 5.60 21.69 1.27
CA LYS A 203 6.31 22.91 0.91
C LYS A 203 7.11 22.91 -0.40
N LEU A 204 7.75 21.80 -0.72
CA LEU A 204 8.55 21.76 -1.93
C LEU A 204 8.66 20.35 -2.46
N ILE A 205 8.77 20.25 -3.77
CA ILE A 205 8.93 18.98 -4.42
C ILE A 205 10.28 19.04 -5.16
N ASP A 206 11.12 18.04 -4.90
CA ASP A 206 12.41 17.95 -5.54
C ASP A 206 12.26 17.18 -6.86
N CYS A 207 12.82 17.73 -7.93
CA CYS A 207 12.76 17.10 -9.25
C CYS A 207 14.11 16.62 -9.72
N GLN A 208 15.12 16.77 -8.87
CA GLN A 208 16.48 16.36 -9.18
C GLN A 208 16.99 17.12 -10.40
N VAL A 209 16.71 16.61 -11.58
CA VAL A 209 17.14 17.24 -12.83
C VAL A 209 15.95 17.79 -13.61
N LEU A 210 16.19 18.87 -14.34
CA LEU A 210 15.14 19.52 -15.11
C LEU A 210 14.99 18.94 -16.52
N ASN A 211 13.77 18.51 -16.87
CA ASN A 211 13.53 17.99 -18.21
C ASN A 211 12.39 18.76 -18.88
N ASP A 212 12.22 18.59 -20.19
CA ASP A 212 11.19 19.32 -20.94
C ASP A 212 9.79 19.28 -20.37
N HIS A 213 9.29 18.09 -20.05
CA HIS A 213 7.94 17.96 -19.49
C HIS A 213 7.87 18.64 -18.14
N THR A 214 8.86 18.35 -17.30
CA THR A 214 8.92 18.91 -15.96
C THR A 214 8.98 20.43 -16.00
N ALA A 215 9.76 20.97 -16.93
CA ALA A 215 9.88 22.41 -17.05
C ALA A 215 8.56 23.05 -17.48
N SER A 216 7.85 22.40 -18.41
CA SER A 216 6.57 22.93 -18.88
C SER A 216 5.56 22.99 -17.74
N LEU A 217 5.72 22.11 -16.75
CA LEU A 217 4.81 22.09 -15.61
C LEU A 217 5.16 23.14 -14.57
N GLY A 218 6.19 23.93 -14.86
CA GLY A 218 6.58 24.99 -13.94
C GLY A 218 7.73 24.68 -12.99
N ALA A 219 8.44 23.57 -13.22
CA ALA A 219 9.57 23.24 -12.37
C ALA A 219 10.68 24.22 -12.70
N CYS A 220 11.52 24.53 -11.73
CA CYS A 220 12.62 25.47 -11.96
C CYS A 220 13.91 25.02 -11.31
N GLU A 221 14.98 25.74 -11.62
CA GLU A 221 16.30 25.44 -11.08
C GLU A 221 16.71 26.44 -10.00
N ILE A 222 17.28 25.93 -8.91
CA ILE A 222 17.77 26.81 -7.86
C ILE A 222 19.18 26.33 -7.50
N PRO A 223 19.98 27.19 -6.84
CA PRO A 223 21.34 26.79 -6.47
C PRO A 223 21.32 25.60 -5.49
N ARG A 224 22.31 24.71 -5.61
CA ARG A 224 22.41 23.54 -4.75
C ARG A 224 22.40 23.90 -3.27
N ARG A 225 23.09 24.97 -2.90
CA ARG A 225 23.11 25.35 -1.50
C ARG A 225 21.74 25.87 -1.05
N ASP A 226 20.99 26.45 -1.99
CA ASP A 226 19.62 26.90 -1.65
C ASP A 226 18.77 25.67 -1.35
N TYR A 227 18.90 24.65 -2.19
CA TYR A 227 18.16 23.41 -2.02
C TYR A 227 18.52 22.70 -0.71
N LEU A 228 19.81 22.55 -0.44
CA LEU A 228 20.27 21.89 0.78
C LEU A 228 19.78 22.66 1.98
N ASN A 229 19.74 23.98 1.83
CA ASN A 229 19.28 24.86 2.89
C ASN A 229 17.81 24.52 3.17
N TYR A 230 17.00 24.53 2.11
CA TYR A 230 15.58 24.19 2.20
C TYR A 230 15.41 22.78 2.79
N LEU A 231 16.22 21.84 2.31
CA LEU A 231 16.14 20.44 2.75
C LEU A 231 16.30 20.34 4.26
N ASN A 232 17.31 21.00 4.79
CA ASN A 232 17.60 20.96 6.22
C ASN A 232 16.47 21.55 7.07
N GLN A 233 15.81 22.55 6.52
CA GLN A 233 14.69 23.19 7.21
C GLN A 233 13.44 22.32 7.13
N MET A 234 13.12 21.83 5.95
CA MET A 234 11.92 21.02 5.75
C MET A 234 11.92 19.60 6.30
N ARG A 235 13.10 18.97 6.42
CA ARG A 235 13.18 17.62 6.97
C ARG A 235 12.49 17.61 8.32
N LEU A 236 12.63 18.73 9.02
CA LEU A 236 12.07 18.93 10.35
C LEU A 236 10.55 19.01 10.30
N GLY A 237 10.02 19.61 9.24
CA GLY A 237 8.58 19.75 9.11
C GLY A 237 7.82 18.44 9.16
N ARG A 238 6.54 18.50 9.51
CA ARG A 238 5.73 17.31 9.57
C ARG A 238 4.34 17.56 8.99
N LEU A 239 3.85 16.61 8.21
CA LEU A 239 2.52 16.69 7.62
C LEU A 239 1.62 15.95 8.62
N PRO A 240 0.30 15.95 8.42
CA PRO A 240 -0.52 15.24 9.40
C PRO A 240 -0.17 13.78 9.53
N ASN A 241 -0.41 13.25 10.72
CA ASN A 241 -0.15 11.87 11.07
C ASN A 241 -0.60 10.83 10.05
N ASN A 242 -1.75 11.05 9.41
CA ASN A 242 -2.26 10.09 8.45
C ASN A 242 -2.05 10.44 6.99
N PHE A 243 -1.42 11.58 6.73
CA PHE A 243 -1.22 12.04 5.35
C PHE A 243 -0.83 10.98 4.35
N TRP A 244 -0.01 10.02 4.75
CA TRP A 244 0.46 9.01 3.82
C TRP A 244 -0.24 7.65 3.78
N VAL A 245 -1.34 7.47 4.53
CA VAL A 245 -2.00 6.17 4.49
C VAL A 245 -2.68 5.97 3.15
N PRO A 246 -2.76 4.71 2.70
CA PRO A 246 -3.42 4.42 1.42
C PRO A 246 -4.83 4.98 1.42
N ARG A 247 -5.12 5.82 0.43
CA ARG A 247 -6.44 6.43 0.32
C ARG A 247 -6.69 7.01 -1.06
N CYS A 248 -7.96 7.26 -1.36
CA CYS A 248 -8.34 7.83 -2.64
C CYS A 248 -8.21 9.35 -2.48
N LEU A 249 -7.48 9.97 -3.39
CA LEU A 249 -7.29 11.42 -3.35
C LEU A 249 -8.28 12.16 -4.25
N PHE A 250 -8.55 11.58 -5.41
CA PHE A 250 -9.46 12.20 -6.37
C PHE A 250 -10.32 11.17 -7.08
N SER A 251 -11.62 11.32 -6.94
CA SER A 251 -12.56 10.41 -7.56
C SER A 251 -13.83 11.20 -7.85
N PRO A 252 -13.92 11.81 -9.04
CA PRO A 252 -15.07 12.61 -9.46
C PRO A 252 -16.41 11.88 -9.39
N MET B 21 -33.76 -3.91 -2.96
CA MET B 21 -33.71 -2.78 -3.94
C MET B 21 -33.63 -3.29 -5.37
N ARG B 22 -32.41 -3.50 -5.86
CA ARG B 22 -32.20 -3.99 -7.23
C ARG B 22 -30.75 -4.43 -7.47
N LEU B 23 -30.59 -5.68 -7.91
CA LEU B 23 -29.28 -6.26 -8.19
C LEU B 23 -28.67 -5.64 -9.44
N VAL B 24 -27.36 -5.40 -9.41
CA VAL B 24 -26.67 -4.76 -10.54
C VAL B 24 -25.58 -5.64 -11.16
N GLN B 25 -25.41 -5.54 -12.47
CA GLN B 25 -24.39 -6.32 -13.18
C GLN B 25 -23.25 -5.40 -13.61
N LEU B 26 -22.08 -5.59 -12.99
CA LEU B 26 -20.91 -4.78 -13.27
C LEU B 26 -20.40 -4.96 -14.68
N SER B 27 -19.59 -4.01 -15.15
CA SER B 27 -19.02 -4.08 -16.49
C SER B 27 -17.50 -4.09 -16.37
N ARG B 28 -16.82 -4.47 -17.45
CA ARG B 28 -15.37 -4.46 -17.44
C ARG B 28 -14.96 -3.02 -17.67
N HIS B 29 -15.96 -2.20 -18.00
CA HIS B 29 -15.74 -0.79 -18.28
C HIS B 29 -15.75 0.13 -17.06
N SER B 30 -16.38 -0.30 -15.97
CA SER B 30 -16.42 0.54 -14.78
C SER B 30 -16.17 -0.20 -13.47
N ILE B 31 -15.51 0.48 -12.54
CA ILE B 31 -15.19 -0.09 -11.24
C ILE B 31 -16.12 0.37 -10.12
N ALA B 32 -17.09 1.22 -10.46
CA ALA B 32 -18.04 1.72 -9.47
C ALA B 32 -18.97 0.62 -8.95
N PHE B 33 -19.43 0.78 -7.71
CA PHE B 33 -20.33 -0.17 -7.08
C PHE B 33 -21.64 0.47 -6.64
N PRO B 34 -22.75 -0.29 -6.71
CA PRO B 34 -24.05 0.23 -6.30
C PRO B 34 -23.93 0.46 -4.80
N SER B 35 -24.81 1.29 -4.24
CA SER B 35 -24.76 1.53 -2.80
C SER B 35 -25.14 0.26 -2.04
N PRO B 36 -24.38 -0.07 -0.98
CA PRO B 36 -24.63 -1.26 -0.14
C PRO B 36 -26.07 -1.36 0.36
N GLU B 37 -26.69 -0.22 0.65
CA GLU B 37 -28.06 -0.22 1.13
C GLU B 37 -29.05 -0.83 0.13
N GLY B 38 -28.62 -0.98 -1.11
CA GLY B 38 -29.48 -1.55 -2.12
C GLY B 38 -29.37 -3.07 -2.20
N ALA B 39 -28.53 -3.65 -1.33
CA ALA B 39 -28.33 -5.09 -1.30
C ALA B 39 -29.62 -5.82 -0.93
N LEU B 40 -29.70 -7.08 -1.31
CA LEU B 40 -30.88 -7.89 -1.03
C LEU B 40 -30.88 -8.45 0.39
N ARG B 41 -32.08 -8.72 0.90
CA ARG B 41 -32.24 -9.32 2.22
C ARG B 41 -31.99 -10.83 2.11
N GLU B 42 -32.43 -11.43 1.01
CA GLU B 42 -32.27 -12.86 0.80
C GLU B 42 -31.90 -13.21 -0.65
N PRO B 43 -30.71 -13.78 -0.88
CA PRO B 43 -29.68 -14.12 0.11
C PRO B 43 -29.25 -12.83 0.76
N ASN B 44 -28.76 -12.91 1.99
CA ASN B 44 -28.39 -11.71 2.69
C ASN B 44 -27.19 -10.92 2.18
N GLY B 45 -27.47 -9.76 1.60
CA GLY B 45 -26.40 -8.89 1.13
C GLY B 45 -25.93 -8.97 -0.30
N LEU B 46 -26.53 -9.85 -1.09
CA LEU B 46 -26.15 -10.00 -2.49
C LEU B 46 -26.33 -8.62 -3.13
N LEU B 47 -25.22 -8.01 -3.51
CA LEU B 47 -25.26 -6.67 -4.08
C LEU B 47 -25.03 -6.55 -5.58
N ALA B 48 -24.15 -7.35 -6.14
CA ALA B 48 -23.89 -7.24 -7.58
C ALA B 48 -23.17 -8.44 -8.14
N LEU B 49 -22.98 -8.47 -9.45
CA LEU B 49 -22.26 -9.58 -10.06
C LEU B 49 -21.48 -9.20 -11.31
N GLY B 50 -20.45 -9.98 -11.61
CA GLY B 50 -19.64 -9.72 -12.77
C GLY B 50 -18.42 -8.91 -12.41
N GLY B 51 -17.89 -8.18 -13.38
CA GLY B 51 -16.71 -7.38 -13.13
C GLY B 51 -15.49 -8.27 -13.18
N ASP B 52 -14.49 -7.94 -12.39
CA ASP B 52 -13.26 -8.70 -12.35
C ASP B 52 -12.77 -8.68 -10.91
N LEU B 53 -11.60 -9.25 -10.68
CA LEU B 53 -11.01 -9.28 -9.35
C LEU B 53 -9.72 -8.48 -9.39
N SER B 54 -9.69 -7.45 -10.25
CA SER B 54 -8.52 -6.58 -10.37
C SER B 54 -8.21 -5.84 -9.06
N PRO B 55 -6.94 -5.53 -8.82
CA PRO B 55 -6.58 -4.83 -7.58
C PRO B 55 -7.44 -3.60 -7.32
N ALA B 56 -7.65 -2.78 -8.35
CA ALA B 56 -8.44 -1.56 -8.21
C ALA B 56 -9.91 -1.82 -7.87
N ARG B 57 -10.50 -2.88 -8.41
CA ARG B 57 -11.89 -3.13 -8.11
C ARG B 57 -12.05 -3.67 -6.69
N LEU B 58 -11.13 -4.54 -6.30
CA LEU B 58 -11.17 -5.11 -4.95
C LEU B 58 -10.97 -4.02 -3.92
N LEU B 59 -9.88 -3.26 -4.07
CA LEU B 59 -9.58 -2.17 -3.15
C LEU B 59 -10.79 -1.27 -3.00
N MET B 60 -11.51 -1.06 -4.11
CA MET B 60 -12.70 -0.22 -4.10
C MET B 60 -13.80 -0.90 -3.30
N ALA B 61 -13.96 -2.20 -3.51
CA ALA B 61 -14.98 -2.97 -2.83
C ALA B 61 -14.84 -2.93 -1.31
N TYR B 62 -13.65 -3.26 -0.82
CA TYR B 62 -13.38 -3.27 0.61
C TYR B 62 -13.51 -1.89 1.23
N GLN B 63 -13.21 -0.87 0.43
CA GLN B 63 -13.30 0.50 0.89
C GLN B 63 -14.77 0.88 1.16
N ARG B 64 -15.69 0.22 0.47
CA ARG B 64 -17.12 0.51 0.62
C ARG B 64 -17.93 -0.57 1.31
N GLY B 65 -17.26 -1.46 2.03
CA GLY B 65 -17.94 -2.52 2.74
C GLY B 65 -18.47 -3.66 1.88
N ILE B 66 -17.81 -3.91 0.75
CA ILE B 66 -18.23 -4.99 -0.14
C ILE B 66 -17.12 -6.03 -0.28
N PHE B 67 -17.50 -7.28 -0.48
CA PHE B 67 -16.51 -8.32 -0.66
C PHE B 67 -17.00 -9.37 -1.63
N PRO B 68 -16.08 -9.95 -2.41
CA PRO B 68 -16.47 -10.97 -3.37
C PRO B 68 -16.55 -12.32 -2.68
N TRP B 69 -17.44 -13.17 -3.18
CA TRP B 69 -17.62 -14.51 -2.67
C TRP B 69 -18.60 -15.21 -3.59
N PHE B 70 -18.15 -16.32 -4.17
CA PHE B 70 -18.98 -17.08 -5.09
C PHE B 70 -18.43 -18.50 -5.20
N SER B 71 -19.30 -19.44 -5.54
CA SER B 71 -18.85 -20.81 -5.68
C SER B 71 -18.32 -20.98 -7.10
N PRO B 72 -17.27 -21.79 -7.27
CA PRO B 72 -16.67 -22.06 -8.58
C PRO B 72 -17.75 -22.43 -9.59
N GLY B 73 -17.64 -21.85 -10.78
CA GLY B 73 -18.61 -22.13 -11.83
C GLY B 73 -19.57 -20.96 -11.96
N ASP B 74 -19.79 -20.25 -10.86
CA ASP B 74 -20.69 -19.10 -10.87
C ASP B 74 -19.91 -17.85 -11.20
N PRO B 75 -20.63 -16.79 -11.61
CA PRO B 75 -19.93 -15.55 -11.92
C PRO B 75 -19.52 -14.91 -10.60
N ILE B 76 -18.69 -13.87 -10.67
CA ILE B 76 -18.26 -13.18 -9.46
C ILE B 76 -19.48 -12.54 -8.80
N LEU B 77 -19.64 -12.78 -7.50
CA LEU B 77 -20.76 -12.20 -6.74
C LEU B 77 -20.20 -11.30 -5.64
N TRP B 78 -20.83 -10.15 -5.45
CA TRP B 78 -20.38 -9.19 -4.44
C TRP B 78 -21.40 -8.97 -3.33
N TRP B 79 -20.92 -8.89 -2.08
CA TRP B 79 -21.81 -8.76 -0.94
C TRP B 79 -21.55 -7.66 0.05
N SER B 80 -22.54 -7.43 0.90
CA SER B 80 -22.52 -6.45 1.99
C SER B 80 -23.77 -6.73 2.79
N PRO B 81 -23.78 -7.84 3.55
CA PRO B 81 -24.92 -8.28 4.38
C PRO B 81 -25.36 -7.35 5.51
N ASP B 82 -26.57 -7.58 6.00
CA ASP B 82 -27.16 -6.80 7.07
C ASP B 82 -27.97 -7.74 7.97
N PRO B 83 -27.55 -7.91 9.23
CA PRO B 83 -26.37 -7.30 9.85
C PRO B 83 -25.05 -7.89 9.39
N ARG B 84 -23.97 -7.35 9.91
CA ARG B 84 -22.62 -7.77 9.58
C ARG B 84 -21.95 -8.42 10.79
N ALA B 85 -21.26 -9.54 10.56
CA ALA B 85 -20.57 -10.23 11.65
C ALA B 85 -19.24 -9.54 11.88
N VAL B 86 -18.93 -9.27 13.13
CA VAL B 86 -17.70 -8.59 13.45
C VAL B 86 -17.12 -9.10 14.76
N LEU B 87 -15.83 -8.87 14.95
CA LEU B 87 -15.13 -9.30 16.16
C LEU B 87 -14.25 -8.22 16.77
N TRP B 88 -14.61 -7.76 17.97
CA TRP B 88 -13.80 -6.77 18.65
C TRP B 88 -12.62 -7.56 19.20
N PRO B 89 -11.40 -7.23 18.76
CA PRO B 89 -10.17 -7.91 19.17
C PRO B 89 -10.14 -8.35 20.62
N GLU B 90 -10.41 -7.40 21.51
CA GLU B 90 -10.41 -7.64 22.95
C GLU B 90 -11.49 -8.60 23.45
N SER B 91 -12.51 -8.84 22.64
CA SER B 91 -13.59 -9.74 23.02
C SER B 91 -13.31 -11.17 22.57
N LEU B 92 -12.12 -11.42 22.02
CA LEU B 92 -11.80 -12.76 21.55
C LEU B 92 -11.95 -13.75 22.69
N HIS B 93 -12.70 -14.82 22.45
CA HIS B 93 -12.92 -15.83 23.48
C HIS B 93 -11.81 -16.87 23.52
N ILE B 94 -11.27 -17.12 24.71
CA ILE B 94 -10.18 -18.06 24.92
C ILE B 94 -10.46 -18.97 26.11
N SER B 95 -10.69 -20.24 25.85
CA SER B 95 -10.97 -21.21 26.92
C SER B 95 -9.76 -21.37 27.84
N ARG B 96 -9.98 -21.99 29.01
CA ARG B 96 -8.90 -22.24 29.97
C ARG B 96 -7.88 -23.16 29.30
N SER B 97 -8.42 -24.18 28.64
CA SER B 97 -7.62 -25.19 27.95
C SER B 97 -6.63 -24.56 26.97
N MET B 98 -7.13 -23.70 26.10
CA MET B 98 -6.30 -23.02 25.11
C MET B 98 -5.18 -22.19 25.77
N LYS B 99 -5.54 -21.46 26.84
CA LYS B 99 -4.55 -20.65 27.55
C LYS B 99 -3.40 -21.50 28.09
N ARG B 100 -3.74 -22.64 28.69
CA ARG B 100 -2.73 -23.56 29.21
C ARG B 100 -1.92 -24.05 28.02
N PHE B 101 -2.61 -24.36 26.93
CA PHE B 101 -1.95 -24.84 25.74
C PHE B 101 -0.97 -23.79 25.20
N HIS B 102 -1.44 -22.56 25.12
CA HIS B 102 -0.62 -21.47 24.59
C HIS B 102 0.51 -21.02 25.52
N LYS B 103 0.34 -21.20 26.83
CA LYS B 103 1.39 -20.80 27.75
C LYS B 103 2.62 -21.62 27.42
N ARG B 104 2.40 -22.87 27.04
CA ARG B 104 3.50 -23.75 26.65
C ARG B 104 3.32 -24.13 25.19
N SER B 105 3.03 -23.13 24.38
CA SER B 105 2.79 -23.31 22.95
C SER B 105 3.88 -24.05 22.16
N PRO B 106 3.47 -25.03 21.34
CA PRO B 106 4.36 -25.83 20.50
C PRO B 106 4.55 -25.17 19.14
N TYR B 107 3.94 -24.01 18.97
CA TYR B 107 4.01 -23.27 17.72
C TYR B 107 4.68 -21.93 17.85
N ARG B 108 5.00 -21.35 16.70
CA ARG B 108 5.56 -20.01 16.65
C ARG B 108 4.82 -19.33 15.50
N VAL B 109 4.63 -18.03 15.61
CA VAL B 109 3.88 -17.28 14.60
C VAL B 109 4.65 -16.17 13.91
N THR B 110 4.34 -15.96 12.63
CA THR B 110 4.97 -14.92 11.84
C THR B 110 3.92 -14.16 11.06
N MET B 111 4.36 -13.05 10.48
CA MET B 111 3.49 -12.19 9.70
C MET B 111 4.02 -12.10 8.29
N ASN B 112 3.10 -12.18 7.33
CA ASN B 112 3.40 -12.09 5.90
C ASN B 112 4.66 -12.79 5.42
N TYR B 113 4.98 -13.94 6.02
CA TYR B 113 6.15 -14.72 5.64
C TYR B 113 5.83 -15.65 4.47
N ALA B 114 4.62 -16.19 4.45
CA ALA B 114 4.23 -17.13 3.39
C ALA B 114 2.77 -16.99 2.99
N PHE B 115 2.43 -15.84 2.46
CA PHE B 115 1.05 -15.60 2.04
C PHE B 115 0.53 -16.72 1.13
N GLY B 116 1.32 -17.07 0.13
CA GLY B 116 0.92 -18.11 -0.80
C GLY B 116 0.50 -19.42 -0.15
N GLN B 117 1.32 -19.90 0.78
CA GLN B 117 1.00 -21.15 1.47
C GLN B 117 -0.24 -21.02 2.35
N VAL B 118 -0.45 -19.86 2.95
CA VAL B 118 -1.60 -19.68 3.82
C VAL B 118 -2.93 -19.73 3.05
N ILE B 119 -3.07 -18.92 2.02
CA ILE B 119 -4.31 -18.91 1.26
C ILE B 119 -4.51 -20.27 0.57
N GLU B 120 -3.40 -20.89 0.18
CA GLU B 120 -3.45 -22.19 -0.46
C GLU B 120 -3.92 -23.20 0.56
N GLY B 121 -3.56 -22.94 1.82
CA GLY B 121 -3.96 -23.81 2.91
C GLY B 121 -5.47 -23.69 3.11
N CYS B 122 -5.97 -22.46 3.06
CA CYS B 122 -7.40 -22.22 3.25
C CYS B 122 -8.21 -22.78 2.10
N ALA B 123 -7.65 -22.73 0.90
CA ALA B 123 -8.33 -23.24 -0.28
C ALA B 123 -8.44 -24.74 -0.23
N SER B 124 -7.53 -25.37 0.49
CA SER B 124 -7.52 -26.83 0.62
C SER B 124 -8.56 -27.39 1.59
N ASP B 125 -9.33 -26.52 2.22
CA ASP B 125 -10.34 -26.99 3.16
C ASP B 125 -11.66 -27.36 2.47
N ARG B 126 -12.24 -28.49 2.90
CA ARG B 126 -13.52 -29.01 2.39
C ARG B 126 -13.42 -29.79 1.08
N GLU B 127 -12.52 -30.78 1.01
CA GLU B 127 -12.36 -31.59 -0.20
C GLU B 127 -12.14 -30.74 -1.46
N GLY B 129 -11.86 -26.99 -3.54
CA GLY B 129 -12.97 -26.33 -4.25
C GLY B 129 -13.52 -25.12 -3.53
N THR B 130 -13.39 -25.08 -2.19
CA THR B 130 -13.89 -23.95 -1.39
C THR B 130 -13.75 -22.73 -2.26
N TRP B 131 -14.86 -22.02 -2.47
CA TRP B 131 -14.91 -20.83 -3.32
C TRP B 131 -13.56 -20.27 -3.79
N ILE B 132 -12.56 -20.35 -2.93
CA ILE B 132 -11.21 -19.89 -3.23
C ILE B 132 -10.64 -20.65 -4.41
N THR B 133 -10.77 -20.10 -5.61
CA THR B 133 -10.23 -20.74 -6.79
C THR B 133 -8.94 -20.06 -7.27
N ARG B 134 -8.34 -20.65 -8.29
CA ARG B 134 -7.12 -20.16 -8.91
C ARG B 134 -7.18 -18.64 -9.07
N GLY B 135 -8.26 -18.16 -9.68
CA GLY B 135 -8.46 -16.73 -9.91
C GLY B 135 -8.53 -15.93 -8.63
N VAL B 136 -9.15 -16.51 -7.60
CA VAL B 136 -9.26 -15.83 -6.31
C VAL B 136 -7.89 -15.83 -5.65
N VAL B 137 -7.17 -16.93 -5.77
CA VAL B 137 -5.83 -17.04 -5.21
C VAL B 137 -4.92 -15.97 -5.81
N GLU B 138 -4.90 -15.89 -7.14
CA GLU B 138 -4.06 -14.90 -7.81
C GLU B 138 -4.45 -13.47 -7.43
N ALA B 139 -5.74 -13.17 -7.45
CA ALA B 139 -6.21 -11.85 -7.09
C ALA B 139 -5.74 -11.43 -5.70
N TYR B 140 -5.97 -12.26 -4.69
CA TYR B 140 -5.55 -11.87 -3.34
C TYR B 140 -4.05 -11.86 -3.14
N HIS B 141 -3.34 -12.63 -3.95
CA HIS B 141 -1.89 -12.64 -3.83
C HIS B 141 -1.41 -11.30 -4.35
N ARG B 142 -2.10 -10.76 -5.35
CA ARG B 142 -1.75 -9.46 -5.92
C ARG B 142 -1.87 -8.42 -4.83
N LEU B 143 -2.99 -8.43 -4.12
CA LEU B 143 -3.19 -7.47 -3.04
C LEU B 143 -2.10 -7.60 -1.99
N HIS B 144 -1.66 -8.83 -1.74
CA HIS B 144 -0.62 -9.05 -0.76
C HIS B 144 0.68 -8.37 -1.23
N GLU B 145 0.95 -8.43 -2.52
CA GLU B 145 2.16 -7.80 -3.05
C GLU B 145 2.02 -6.28 -3.09
N LEU B 146 0.79 -5.80 -3.21
CA LEU B 146 0.56 -4.37 -3.23
C LEU B 146 0.45 -3.84 -1.80
N GLY B 147 0.71 -4.73 -0.83
CA GLY B 147 0.67 -4.35 0.58
C GLY B 147 -0.65 -4.23 1.31
N HIS B 148 -1.71 -4.81 0.76
CA HIS B 148 -3.02 -4.74 1.40
C HIS B 148 -3.55 -6.02 2.02
N ALA B 149 -3.08 -7.17 1.51
CA ALA B 149 -3.51 -8.48 2.00
C ALA B 149 -2.40 -9.05 2.84
N HIS B 150 -2.75 -9.51 4.02
CA HIS B 150 -1.76 -10.02 4.94
C HIS B 150 -2.07 -11.39 5.48
N SER B 151 -1.03 -12.12 5.85
CA SER B 151 -1.20 -13.46 6.39
C SER B 151 -0.46 -13.66 7.71
N ILE B 152 -1.04 -14.51 8.56
CA ILE B 152 -0.46 -14.87 9.84
C ILE B 152 -0.12 -16.36 9.69
N GLU B 153 1.14 -16.72 9.86
CA GLU B 153 1.53 -18.11 9.72
C GLU B 153 1.80 -18.76 11.07
N VAL B 154 1.37 -20.01 11.22
CA VAL B 154 1.59 -20.75 12.44
C VAL B 154 2.49 -21.92 12.07
N TRP B 155 3.62 -22.04 12.76
CA TRP B 155 4.55 -23.10 12.44
C TRP B 155 4.80 -24.15 13.53
N ARG B 156 5.02 -25.37 13.07
CA ARG B 156 5.34 -26.47 13.96
C ARG B 156 6.67 -26.88 13.36
N GLU B 157 7.76 -26.44 13.99
CA GLU B 157 9.11 -26.70 13.49
C GLU B 157 9.29 -25.84 12.24
N ASP B 158 9.42 -26.46 11.07
CA ASP B 158 9.57 -25.71 9.83
C ASP B 158 8.29 -25.83 9.00
N GLU B 159 7.37 -26.64 9.50
CA GLU B 159 6.09 -26.89 8.84
C GLU B 159 5.04 -25.85 9.16
N LEU B 160 4.40 -25.34 8.12
CA LEU B 160 3.30 -24.40 8.28
C LEU B 160 2.15 -25.35 8.60
N VAL B 161 1.49 -25.18 9.74
CA VAL B 161 0.39 -26.07 10.09
C VAL B 161 -0.90 -25.30 10.30
N GLY B 162 -0.88 -24.01 9.98
CA GLY B 162 -2.08 -23.20 10.14
C GLY B 162 -1.84 -21.73 9.83
N GLY B 163 -2.90 -20.95 9.82
CA GLY B 163 -2.76 -19.53 9.54
C GLY B 163 -4.06 -18.89 9.11
N MET B 164 -3.99 -17.61 8.76
CA MET B 164 -5.16 -16.84 8.34
C MET B 164 -4.70 -15.63 7.54
N TYR B 165 -5.55 -15.15 6.64
CA TYR B 165 -5.20 -13.99 5.86
C TYR B 165 -6.40 -13.08 5.74
N GLY B 166 -6.13 -11.81 5.41
CA GLY B 166 -7.20 -10.87 5.26
C GLY B 166 -6.72 -9.58 4.61
N VAL B 167 -7.62 -8.62 4.50
CA VAL B 167 -7.30 -7.35 3.89
C VAL B 167 -7.38 -6.24 4.94
N ALA B 168 -6.30 -5.49 5.07
CA ALA B 168 -6.26 -4.39 6.04
C ALA B 168 -7.05 -3.21 5.48
N GLN B 169 -7.68 -2.46 6.36
CA GLN B 169 -8.48 -1.32 5.96
C GLN B 169 -8.32 -0.30 7.10
N GLY B 170 -7.08 0.14 7.29
CA GLY B 170 -6.79 1.09 8.35
C GLY B 170 -6.58 0.36 9.66
N THR B 171 -7.41 0.65 10.65
CA THR B 171 -7.32 0.00 11.95
C THR B 171 -8.37 -1.10 11.97
N LEU B 172 -8.90 -1.38 10.79
CA LEU B 172 -9.89 -2.42 10.63
C LEU B 172 -9.24 -3.53 9.81
N PHE B 173 -9.54 -4.77 10.16
CA PHE B 173 -8.98 -5.89 9.42
C PHE B 173 -10.13 -6.78 8.98
N CYS B 174 -10.21 -7.03 7.69
CA CYS B 174 -11.26 -7.87 7.14
C CYS B 174 -10.69 -9.26 7.02
N GLY B 175 -11.17 -10.17 7.87
CA GLY B 175 -10.72 -11.54 7.86
C GLY B 175 -11.30 -12.33 6.71
N GLU B 176 -10.44 -12.88 5.87
CA GLU B 176 -10.91 -13.64 4.73
C GLU B 176 -11.16 -15.10 5.11
N SER B 177 -10.09 -15.81 5.41
CA SER B 177 -10.21 -17.21 5.71
C SER B 177 -9.07 -17.69 6.59
N MET B 178 -9.18 -18.91 7.08
CA MET B 178 -8.14 -19.50 7.91
C MET B 178 -8.18 -21.01 7.74
N PHE B 179 -7.11 -21.68 8.13
CA PHE B 179 -7.07 -23.13 7.99
C PHE B 179 -6.24 -23.67 9.15
N SER B 180 -6.38 -24.96 9.41
CA SER B 180 -5.66 -25.55 10.52
C SER B 180 -5.44 -27.05 10.33
N ARG B 181 -4.18 -27.45 10.25
CA ARG B 181 -3.84 -28.87 10.08
C ARG B 181 -3.44 -29.54 11.39
N MET B 182 -3.29 -28.76 12.45
CA MET B 182 -2.95 -29.30 13.75
C MET B 182 -3.83 -28.65 14.81
N GLU B 183 -4.26 -29.42 15.79
CA GLU B 183 -5.13 -28.91 16.85
C GLU B 183 -4.69 -27.55 17.39
N ASN B 184 -5.60 -26.58 17.36
CA ASN B 184 -5.32 -25.23 17.88
C ASN B 184 -4.40 -24.34 17.06
N ALA B 185 -4.08 -24.73 15.83
CA ALA B 185 -3.22 -23.91 15.00
C ALA B 185 -3.98 -22.61 14.69
N SER B 186 -5.20 -22.74 14.17
CA SER B 186 -6.04 -21.58 13.86
C SER B 186 -6.07 -20.65 15.06
N LYS B 187 -6.61 -21.16 16.17
CA LYS B 187 -6.74 -20.39 17.40
C LYS B 187 -5.48 -19.62 17.76
N THR B 188 -4.31 -20.21 17.49
CA THR B 188 -3.04 -19.56 17.81
C THR B 188 -2.80 -18.34 16.92
N ALA B 189 -3.05 -18.50 15.63
CA ALA B 189 -2.90 -17.42 14.68
C ALA B 189 -3.80 -16.27 15.13
N LEU B 190 -5.07 -16.58 15.36
CA LEU B 190 -6.03 -15.58 15.78
C LEU B 190 -5.70 -14.98 17.14
N LEU B 191 -5.38 -15.82 18.12
CA LEU B 191 -5.06 -15.33 19.46
C LEU B 191 -3.90 -14.34 19.39
N VAL B 192 -2.80 -14.79 18.81
CA VAL B 192 -1.62 -13.94 18.69
C VAL B 192 -1.89 -12.67 17.90
N PHE B 193 -2.59 -12.81 16.76
CA PHE B 193 -2.90 -11.64 15.93
C PHE B 193 -3.63 -10.59 16.73
N CYS B 194 -4.69 -11.02 17.40
CA CYS B 194 -5.48 -10.11 18.21
C CYS B 194 -4.63 -9.36 19.23
N GLU B 195 -3.69 -10.06 19.86
CA GLU B 195 -2.83 -9.44 20.85
C GLU B 195 -2.02 -8.37 20.14
N GLU B 196 -1.31 -8.77 19.08
CA GLU B 196 -0.51 -7.83 18.31
C GLU B 196 -1.37 -6.67 17.82
N PHE B 197 -2.51 -7.01 17.23
CA PHE B 197 -3.44 -6.04 16.69
C PHE B 197 -3.92 -4.98 17.69
N ILE B 198 -4.42 -5.42 18.85
CA ILE B 198 -4.89 -4.49 19.87
C ILE B 198 -3.76 -3.59 20.36
N GLY B 199 -2.64 -4.20 20.68
CA GLY B 199 -1.48 -3.48 21.17
C GLY B 199 -1.01 -2.31 20.32
N HIS B 200 -1.16 -2.40 19.00
CA HIS B 200 -0.69 -1.33 18.14
C HIS B 200 -1.75 -0.43 17.51
N GLY B 201 -2.95 -0.41 18.08
CA GLY B 201 -3.98 0.45 17.55
C GLY B 201 -5.12 -0.22 16.82
N GLY B 202 -4.99 -1.51 16.52
CA GLY B 202 -6.04 -2.23 15.83
C GLY B 202 -7.36 -2.03 16.56
N LYS B 203 -8.42 -1.79 15.81
CA LYS B 203 -9.72 -1.55 16.44
C LYS B 203 -10.81 -2.57 16.17
N LEU B 204 -10.86 -3.13 14.97
CA LEU B 204 -11.91 -4.07 14.64
C LEU B 204 -11.48 -5.13 13.63
N ILE B 205 -12.23 -6.22 13.61
CA ILE B 205 -12.00 -7.31 12.66
C ILE B 205 -13.35 -7.67 12.08
N ASP B 206 -13.42 -7.77 10.76
CA ASP B 206 -14.65 -8.11 10.09
C ASP B 206 -14.71 -9.61 9.79
N CYS B 207 -15.85 -10.23 10.09
CA CYS B 207 -16.05 -11.66 9.84
C CYS B 207 -17.18 -11.88 8.83
N GLN B 208 -17.70 -10.80 8.27
CA GLN B 208 -18.79 -10.84 7.29
C GLN B 208 -20.08 -11.43 7.85
N VAL B 209 -20.12 -12.76 7.91
CA VAL B 209 -21.31 -13.45 8.39
C VAL B 209 -21.10 -14.27 9.68
N LEU B 210 -22.06 -14.17 10.59
CA LEU B 210 -22.01 -14.88 11.86
C LEU B 210 -22.42 -16.33 11.64
N ASN B 211 -21.44 -17.23 11.74
CA ASN B 211 -21.71 -18.65 11.58
C ASN B 211 -21.39 -19.33 12.90
N ASP B 212 -21.02 -20.61 12.85
CA ASP B 212 -20.71 -21.34 14.07
C ASP B 212 -19.32 -21.06 14.63
N HIS B 213 -18.31 -21.02 13.77
CA HIS B 213 -16.96 -20.78 14.26
C HIS B 213 -16.67 -19.30 14.53
N THR B 214 -17.34 -18.40 13.82
CA THR B 214 -17.13 -16.97 14.07
C THR B 214 -17.75 -16.64 15.42
N ALA B 215 -18.94 -17.18 15.67
CA ALA B 215 -19.66 -16.96 16.92
C ALA B 215 -18.89 -17.55 18.10
N SER B 216 -18.25 -18.70 17.88
CA SER B 216 -17.48 -19.37 18.91
C SER B 216 -16.29 -18.52 19.34
N LEU B 217 -15.76 -17.75 18.39
CA LEU B 217 -14.60 -16.89 18.67
C LEU B 217 -14.99 -15.60 19.36
N GLY B 218 -16.28 -15.29 19.39
CA GLY B 218 -16.73 -14.08 20.03
C GLY B 218 -17.34 -13.07 19.07
N ALA B 219 -17.41 -13.43 17.80
CA ALA B 219 -17.98 -12.54 16.80
C ALA B 219 -19.44 -12.22 17.14
N CYS B 220 -19.83 -10.97 16.93
CA CYS B 220 -21.20 -10.55 17.21
C CYS B 220 -21.72 -9.75 16.03
N GLU B 221 -23.04 -9.75 15.87
CA GLU B 221 -23.67 -9.03 14.77
C GLU B 221 -23.98 -7.58 15.11
N ILE B 222 -23.79 -6.72 14.10
CA ILE B 222 -24.10 -5.31 14.23
C ILE B 222 -24.66 -4.84 12.89
N PRO B 223 -25.67 -3.97 12.92
CA PRO B 223 -26.29 -3.45 11.69
C PRO B 223 -25.26 -2.97 10.66
N ARG B 224 -25.56 -3.22 9.39
CA ARG B 224 -24.69 -2.82 8.29
C ARG B 224 -24.39 -1.33 8.41
N ARG B 225 -25.44 -0.58 8.74
CA ARG B 225 -25.36 0.87 8.91
C ARG B 225 -24.20 1.21 9.85
N ASP B 226 -24.09 0.47 10.95
CA ASP B 226 -23.04 0.69 11.93
C ASP B 226 -21.69 0.17 11.44
N TYR B 227 -21.69 -0.96 10.73
CA TYR B 227 -20.43 -1.49 10.22
C TYR B 227 -19.79 -0.51 9.23
N LEU B 228 -20.58 -0.03 8.27
CA LEU B 228 -20.06 0.91 7.27
C LEU B 228 -19.58 2.17 7.98
N ASN B 229 -20.34 2.55 9.00
CA ASN B 229 -20.05 3.71 9.80
C ASN B 229 -18.66 3.53 10.40
N TYR B 230 -18.46 2.40 11.07
CA TYR B 230 -17.18 2.07 11.67
C TYR B 230 -16.06 2.01 10.62
N LEU B 231 -16.37 1.43 9.47
CA LEU B 231 -15.39 1.29 8.39
C LEU B 231 -14.84 2.61 7.86
N ASN B 232 -15.75 3.50 7.45
CA ASN B 232 -15.32 4.79 6.89
C ASN B 232 -14.47 5.61 7.85
N GLN B 233 -14.52 5.24 9.13
CA GLN B 233 -13.76 5.93 10.16
C GLN B 233 -12.39 5.28 10.31
N MET B 234 -12.39 3.96 10.48
CA MET B 234 -11.16 3.20 10.68
C MET B 234 -10.22 3.10 9.50
N ARG B 235 -10.74 3.19 8.28
CA ARG B 235 -9.89 3.08 7.08
C ARG B 235 -8.85 4.19 6.94
N LEU B 236 -9.11 5.34 7.55
CA LEU B 236 -8.20 6.47 7.49
C LEU B 236 -7.18 6.40 8.62
N GLY B 237 -7.40 5.48 9.55
CA GLY B 237 -6.50 5.31 10.68
C GLY B 237 -5.23 4.60 10.24
N ARG B 238 -4.33 4.33 11.17
CA ARG B 238 -3.09 3.66 10.82
C ARG B 238 -2.42 2.92 11.99
N LEU B 239 -1.42 2.12 11.66
CA LEU B 239 -0.66 1.34 12.63
C LEU B 239 0.83 1.62 12.37
N PRO B 240 1.69 1.33 13.36
CA PRO B 240 3.12 1.57 13.18
C PRO B 240 3.57 1.10 11.80
N ASN B 241 4.44 1.86 11.17
CA ASN B 241 4.95 1.55 9.85
C ASN B 241 5.36 0.10 9.66
N ASN B 242 5.95 -0.50 10.69
CA ASN B 242 6.41 -1.87 10.61
C ASN B 242 5.35 -2.91 10.94
N PHE B 243 4.14 -2.49 11.26
CA PHE B 243 3.13 -3.48 11.61
C PHE B 243 2.93 -4.60 10.61
N TRP B 244 2.91 -4.27 9.31
CA TRP B 244 2.71 -5.30 8.31
C TRP B 244 3.98 -5.82 7.65
N VAL B 245 5.14 -5.38 8.14
CA VAL B 245 6.41 -5.83 7.59
C VAL B 245 6.64 -7.29 7.98
N PRO B 246 6.98 -8.15 7.03
CA PRO B 246 7.20 -9.55 7.39
C PRO B 246 8.06 -9.67 8.63
N ARG B 247 7.62 -10.48 9.58
CA ARG B 247 8.36 -10.66 10.81
C ARG B 247 7.79 -11.76 11.68
N CYS B 248 8.45 -11.98 12.82
CA CYS B 248 8.04 -13.00 13.76
C CYS B 248 7.16 -12.31 14.79
N LEU B 249 6.00 -12.91 15.09
CA LEU B 249 5.08 -12.34 16.07
C LEU B 249 5.11 -13.04 17.43
N PHE B 250 5.21 -14.36 17.41
CA PHE B 250 5.24 -15.12 18.65
C PHE B 250 6.25 -16.24 18.54
N SER B 251 7.17 -16.27 19.50
CA SER B 251 8.20 -17.27 19.53
C SER B 251 8.69 -17.44 20.96
N PRO B 252 8.49 -18.63 21.53
CA PRO B 252 8.93 -18.87 22.91
C PRO B 252 10.44 -18.78 22.98
#